data_6X8Q
#
_entry.id   6X8Q
#
_cell.length_a   59.349
_cell.length_b   59.349
_cell.length_c   233.542
_cell.angle_alpha   90.000
_cell.angle_beta   90.000
_cell.angle_gamma   120.000
#
_symmetry.space_group_name_H-M   'P 32 2 1'
#
loop_
_entity.id
_entity.type
_entity.pdbx_description
1 polymer '3D11 Fab heavy chain'
2 polymer '3D11 Fab light chain'
3 polymer 'PAPP peptide'
4 non-polymer 1,2-ETHANEDIOL
5 water water
#
loop_
_entity_poly.entity_id
_entity_poly.type
_entity_poly.pdbx_seq_one_letter_code
_entity_poly.pdbx_strand_id
1 'polypeptide(L)'
;QAYLQQSGAELVRSGASVKMSCKASGYTFTSYNMHWVKQTPGQGLEWIGYIYPGNGVTNFNQKFKGKATLTADTSSSTAY
MQISSLTSEDSAVYFCASAAYWGQGTLVTVSSASTKGPSVFPLAPSSKSTSGGTAALGCLVKDYFPEPVTVSWNSGALTS
GVHTFPAVLQSSGLYSLSSVVTVPSSSLGTQTYICNVNHKPSNTKVDKKVEPKSC
;
H
2 'polypeptide(L)'
;DVVMTQTPLTLSVTIGQPASISCKSSQSLLYSDGKTYLNWLLQRPGQSPKRLISLVSELDSGVPDRFTGSGSGTDFTLKI
SRVEAEDLGVYYCWQGTHFPRTFGGGTKLEIKRTVAAPSVFIFPPSDEQLKSGTASVVCLLNNFYPREAKVQWKVDNALQ
SGNSQESVTEQDSKDSTYSLSSTLTLSKADYEKHKVYACEVTHQGLSSPVTKSFNRGEC
;
L
3 'polypeptide(L)' PAPPNANDPAPPNAND P
#
# COMPACT_ATOMS: atom_id res chain seq x y z
N TYR A 3 -7.52 16.51 -8.53
CA TYR A 3 -7.89 15.63 -7.44
C TYR A 3 -9.07 14.73 -7.81
N LEU A 4 -8.89 13.45 -7.57
CA LEU A 4 -9.85 12.43 -7.94
C LEU A 4 -10.10 11.63 -6.68
N GLN A 5 -11.37 11.56 -6.26
CA GLN A 5 -11.75 10.84 -5.05
C GLN A 5 -12.64 9.66 -5.42
N GLN A 6 -12.16 8.45 -5.14
CA GLN A 6 -12.91 7.25 -5.51
C GLN A 6 -13.77 6.75 -4.34
N SER A 7 -14.76 5.93 -4.69
CA SER A 7 -15.62 5.35 -3.68
C SER A 7 -14.91 4.21 -2.94
N GLY A 8 -15.53 3.73 -1.86
CA GLY A 8 -14.88 2.78 -0.94
C GLY A 8 -14.87 1.33 -1.44
N ALA A 9 -14.16 0.49 -0.70
CA ALA A 9 -13.96 -0.89 -1.10
C ALA A 9 -15.30 -1.62 -1.10
N GLU A 10 -15.35 -2.69 -1.92
CA GLU A 10 -16.55 -3.46 -2.22
C GLU A 10 -16.28 -4.95 -2.05
N LEU A 11 -17.24 -5.64 -1.50
CA LEU A 11 -17.30 -7.10 -1.49
C LEU A 11 -18.48 -7.45 -2.38
N VAL A 12 -18.26 -8.25 -3.41
CA VAL A 12 -19.33 -8.60 -4.33
CA VAL A 12 -19.29 -8.58 -4.40
C VAL A 12 -19.27 -10.08 -4.66
N ARG A 13 -20.44 -10.68 -4.83
CA ARG A 13 -20.53 -12.11 -5.12
C ARG A 13 -20.13 -12.43 -6.55
N SER A 14 -19.57 -13.61 -6.74
CA SER A 14 -19.30 -14.11 -8.07
C SER A 14 -20.57 -14.04 -8.95
N GLY A 15 -20.43 -13.49 -10.15
CA GLY A 15 -21.52 -13.38 -11.08
C GLY A 15 -22.34 -12.12 -10.96
N ALA A 16 -22.19 -11.38 -9.87
CA ALA A 16 -22.93 -10.14 -9.66
C ALA A 16 -22.18 -8.97 -10.32
N SER A 17 -22.60 -7.74 -10.05
CA SER A 17 -22.00 -6.55 -10.62
CA SER A 17 -21.96 -6.57 -10.62
C SER A 17 -21.51 -5.61 -9.53
N VAL A 18 -20.62 -4.71 -9.90
CA VAL A 18 -20.16 -3.67 -8.99
C VAL A 18 -20.20 -2.33 -9.71
N LYS A 19 -20.49 -1.26 -8.97
CA LYS A 19 -20.48 0.07 -9.52
C LYS A 19 -19.63 0.92 -8.61
N MET A 20 -18.68 1.64 -9.18
CA MET A 20 -17.79 2.49 -8.37
C MET A 20 -17.74 3.88 -9.00
N SER A 21 -17.36 4.88 -8.19
CA SER A 21 -17.41 6.27 -8.64
C SER A 21 -16.07 6.95 -8.42
N CYS A 22 -15.91 8.08 -9.12
CA CYS A 22 -14.69 8.88 -9.10
C CYS A 22 -15.14 10.33 -9.21
N LYS A 23 -15.02 11.09 -8.13
CA LYS A 23 -15.44 12.48 -8.11
C LYS A 23 -14.23 13.37 -8.42
N ALA A 24 -14.39 14.27 -9.39
CA ALA A 24 -13.27 15.10 -9.85
C ALA A 24 -13.39 16.53 -9.38
N SER A 25 -12.26 17.14 -9.05
CA SER A 25 -12.22 18.57 -8.75
C SER A 25 -10.87 19.13 -9.18
N GLY A 26 -10.79 20.46 -9.29
CA GLY A 26 -9.53 21.14 -9.51
C GLY A 26 -8.97 21.08 -10.92
N TYR A 27 -9.71 20.55 -11.90
CA TYR A 27 -9.37 20.69 -13.31
C TYR A 27 -10.70 20.62 -14.07
N THR A 28 -10.67 20.91 -15.37
CA THR A 28 -11.91 20.84 -16.17
C THR A 28 -12.21 19.39 -16.49
N PHE A 29 -13.12 18.82 -15.70
CA PHE A 29 -13.59 17.44 -15.92
C PHE A 29 -13.89 17.16 -17.41
N THR A 30 -14.53 18.08 -18.11
CA THR A 30 -14.99 17.74 -19.44
C THR A 30 -13.91 17.88 -20.51
N SER A 31 -12.69 18.26 -20.15
CA SER A 31 -11.67 18.54 -21.14
C SER A 31 -10.68 17.39 -21.33
N TYR A 32 -10.78 16.30 -20.55
CA TYR A 32 -9.80 15.22 -20.60
C TYR A 32 -10.49 13.87 -20.54
N ASN A 33 -9.96 12.89 -21.27
CA ASN A 33 -10.48 11.54 -21.11
C ASN A 33 -10.36 11.13 -19.65
N MET A 34 -11.38 10.46 -19.17
CA MET A 34 -11.35 9.84 -17.84
C MET A 34 -11.08 8.35 -18.02
N HIS A 35 -9.91 7.89 -17.56
CA HIS A 35 -9.49 6.51 -17.74
C HIS A 35 -9.82 5.71 -16.50
N TRP A 36 -10.06 4.43 -16.72
CA TRP A 36 -10.12 3.43 -15.65
C TRP A 36 -9.08 2.35 -15.89
N VAL A 37 -8.38 1.98 -14.81
CA VAL A 37 -7.19 1.15 -14.92
C VAL A 37 -7.25 0.10 -13.80
N LYS A 38 -6.98 -1.17 -14.12
CA LYS A 38 -6.95 -2.23 -13.13
C LYS A 38 -5.52 -2.50 -12.72
N GLN A 39 -5.27 -2.65 -11.43
CA GLN A 39 -3.93 -3.00 -11.02
C GLN A 39 -3.94 -4.46 -10.66
N THR A 40 -3.05 -5.23 -11.29
CA THR A 40 -3.00 -6.66 -11.08
C THR A 40 -2.19 -6.97 -9.82
N PRO A 41 -2.30 -8.19 -9.32
CA PRO A 41 -1.57 -8.53 -8.08
C PRO A 41 -0.08 -8.28 -8.16
N GLY A 42 0.53 -8.58 -9.30
CA GLY A 42 1.93 -8.29 -9.51
C GLY A 42 2.21 -6.84 -9.82
N GLN A 43 1.21 -5.97 -9.67
CA GLN A 43 1.37 -4.54 -9.79
C GLN A 43 1.55 -4.11 -11.24
N GLY A 44 1.17 -4.93 -12.20
CA GLY A 44 1.02 -4.40 -13.53
C GLY A 44 -0.19 -3.48 -13.58
N LEU A 45 -0.27 -2.61 -14.59
CA LEU A 45 -1.45 -1.80 -14.80
C LEU A 45 -2.08 -2.19 -16.13
N GLU A 46 -3.39 -2.31 -16.13
CA GLU A 46 -4.12 -2.72 -17.32
C GLU A 46 -5.23 -1.73 -17.60
N TRP A 47 -5.25 -1.16 -18.82
CA TRP A 47 -6.24 -0.18 -19.17
C TRP A 47 -7.56 -0.85 -19.48
N ILE A 48 -8.65 -0.36 -18.86
CA ILE A 48 -10.00 -0.85 -19.11
C ILE A 48 -10.68 -0.07 -20.22
N GLY A 49 -10.68 1.26 -20.10
CA GLY A 49 -11.32 2.09 -21.12
C GLY A 49 -11.31 3.54 -20.65
N TYR A 50 -11.85 4.42 -21.48
CA TYR A 50 -12.05 5.79 -21.01
C TYR A 50 -13.42 6.23 -21.44
N ILE A 51 -13.87 7.28 -20.77
CA ILE A 51 -14.99 8.10 -21.26
C ILE A 51 -14.49 9.52 -21.35
N TYR A 52 -14.86 10.19 -22.44
CA TYR A 52 -14.57 11.62 -22.59
C TYR A 52 -15.77 12.37 -22.12
N PRO A 53 -15.75 13.02 -20.96
CA PRO A 53 -17.01 13.61 -20.46
C PRO A 53 -17.51 14.78 -21.29
N GLY A 54 -16.69 15.36 -22.18
CA GLY A 54 -17.18 16.45 -23.01
C GLY A 54 -18.28 16.02 -23.97
N ASN A 55 -18.27 14.75 -24.38
CA ASN A 55 -19.29 14.32 -25.33
C ASN A 55 -19.77 12.90 -25.08
N GLY A 56 -19.27 12.22 -24.04
CA GLY A 56 -19.76 10.92 -23.67
C GLY A 56 -19.13 9.77 -24.40
N VAL A 57 -18.25 10.03 -25.37
CA VAL A 57 -17.66 8.94 -26.17
C VAL A 57 -16.81 8.05 -25.26
N THR A 58 -16.98 6.74 -25.42
CA THR A 58 -16.18 5.76 -24.71
C THR A 58 -15.38 4.91 -25.67
N ASN A 59 -14.25 4.41 -25.17
CA ASN A 59 -13.46 3.46 -25.91
C ASN A 59 -12.93 2.45 -24.91
N PHE A 60 -12.81 1.17 -25.33
CA PHE A 60 -12.55 0.09 -24.39
C PHE A 60 -11.46 -0.83 -24.87
N ASN A 61 -10.80 -1.39 -23.88
CA ASN A 61 -10.02 -2.58 -24.10
C ASN A 61 -10.94 -3.74 -24.49
N GLN A 62 -10.63 -4.42 -25.58
CA GLN A 62 -11.48 -5.50 -26.08
C GLN A 62 -11.77 -6.54 -25.01
N LYS A 63 -10.84 -6.74 -24.10
CA LYS A 63 -11.02 -7.69 -23.01
C LYS A 63 -12.20 -7.33 -22.10
N PHE A 64 -12.57 -6.06 -22.02
CA PHE A 64 -13.59 -5.64 -21.07
C PHE A 64 -14.87 -5.24 -21.79
N LYS A 65 -14.89 -5.27 -23.12
CA LYS A 65 -16.13 -4.98 -23.85
C LYS A 65 -17.19 -6.00 -23.48
N GLY A 66 -18.40 -5.51 -23.26
CA GLY A 66 -19.47 -6.37 -22.82
C GLY A 66 -19.48 -6.66 -21.34
N LYS A 67 -18.44 -6.25 -20.60
CA LYS A 67 -18.36 -6.37 -19.16
C LYS A 67 -18.36 -5.02 -18.45
N ALA A 68 -17.73 -4.00 -19.01
CA ALA A 68 -17.57 -2.71 -18.35
C ALA A 68 -18.52 -1.70 -18.97
N THR A 69 -19.10 -0.82 -18.14
CA THR A 69 -19.90 0.30 -18.63
C THR A 69 -19.34 1.55 -18.00
N LEU A 70 -19.10 2.61 -18.78
CA LEU A 70 -18.49 3.83 -18.25
C LEU A 70 -19.44 4.99 -18.51
N THR A 71 -19.68 5.80 -17.46
CA THR A 71 -20.57 6.94 -17.62
C THR A 71 -19.97 8.14 -16.89
N ALA A 72 -20.52 9.33 -17.16
CA ALA A 72 -19.95 10.54 -16.56
C ALA A 72 -21.05 11.55 -16.40
N ASP A 73 -21.14 12.13 -15.21
CA ASP A 73 -22.21 13.08 -14.84
C ASP A 73 -21.53 14.44 -14.78
N THR A 74 -21.75 15.24 -15.81
CA THR A 74 -21.09 16.54 -15.91
CA THR A 74 -21.03 16.50 -15.85
C THR A 74 -21.59 17.50 -14.86
N SER A 75 -22.83 17.33 -14.38
CA SER A 75 -23.34 18.31 -13.42
C SER A 75 -22.69 18.12 -12.05
N SER A 76 -22.24 16.91 -11.73
CA SER A 76 -21.57 16.65 -10.45
C SER A 76 -20.11 16.31 -10.62
N SER A 77 -19.59 16.37 -11.86
CA SER A 77 -18.19 16.04 -12.14
CA SER A 77 -18.21 16.02 -12.18
C SER A 77 -17.84 14.67 -11.55
N THR A 78 -18.73 13.69 -11.75
CA THR A 78 -18.44 12.34 -11.25
C THR A 78 -18.47 11.34 -12.38
N ALA A 79 -17.49 10.45 -12.38
CA ALA A 79 -17.44 9.37 -13.35
C ALA A 79 -17.76 8.07 -12.65
N TYR A 80 -18.38 7.14 -13.38
CA TYR A 80 -18.79 5.83 -12.83
C TYR A 80 -18.27 4.71 -13.72
N MET A 81 -17.90 3.60 -13.08
CA MET A 81 -17.59 2.40 -13.85
C MET A 81 -18.45 1.27 -13.25
N GLN A 82 -19.15 0.54 -14.08
CA GLN A 82 -19.82 -0.68 -13.66
CA GLN A 82 -19.79 -0.69 -13.64
C GLN A 82 -19.09 -1.86 -14.33
N ILE A 83 -18.87 -2.92 -13.58
CA ILE A 83 -18.34 -4.18 -14.14
C ILE A 83 -19.34 -5.28 -13.81
N SER A 84 -19.76 -6.04 -14.81
CA SER A 84 -20.80 -7.04 -14.59
C SER A 84 -20.19 -8.44 -14.68
N SER A 85 -20.97 -9.44 -14.27
CA SER A 85 -20.55 -10.86 -14.37
C SER A 85 -19.19 -11.12 -13.72
N LEU A 86 -19.02 -10.67 -12.48
CA LEU A 86 -17.69 -10.71 -11.87
C LEU A 86 -17.21 -12.14 -11.62
N THR A 87 -15.91 -12.36 -11.79
CA THR A 87 -15.28 -13.63 -11.43
C THR A 87 -14.08 -13.34 -10.55
N SER A 88 -13.39 -14.43 -10.15
CA SER A 88 -12.22 -14.26 -9.31
C SER A 88 -11.16 -13.32 -9.92
N GLU A 89 -10.97 -13.36 -11.24
CA GLU A 89 -9.95 -12.52 -11.84
C GLU A 89 -10.27 -11.04 -11.75
N ASP A 90 -11.50 -10.68 -11.36
CA ASP A 90 -11.88 -9.28 -11.21
C ASP A 90 -11.60 -8.71 -9.84
N SER A 91 -11.17 -9.52 -8.88
CA SER A 91 -10.68 -8.95 -7.62
C SER A 91 -9.40 -8.18 -7.88
N ALA A 92 -9.41 -6.88 -7.60
CA ALA A 92 -8.25 -6.05 -7.94
C ALA A 92 -8.51 -4.70 -7.32
N VAL A 93 -7.50 -3.85 -7.35
CA VAL A 93 -7.71 -2.41 -7.15
C VAL A 93 -7.94 -1.76 -8.50
N TYR A 94 -8.94 -0.89 -8.55
CA TYR A 94 -9.30 -0.16 -9.76
C TYR A 94 -9.05 1.32 -9.54
N PHE A 95 -8.38 1.97 -10.51
CA PHE A 95 -8.09 3.38 -10.39
C PHE A 95 -8.85 4.15 -11.47
N CYS A 96 -9.21 5.41 -11.19
CA CYS A 96 -9.52 6.36 -12.26
C CYS A 96 -8.34 7.31 -12.43
N ALA A 97 -8.17 7.85 -13.63
CA ALA A 97 -7.03 8.70 -13.92
C ALA A 97 -7.46 9.67 -15.00
N SER A 98 -7.07 10.93 -14.83
CA SER A 98 -7.45 11.92 -15.84
C SER A 98 -6.50 13.09 -15.66
N ALA A 99 -6.03 13.64 -16.79
CA ALA A 99 -5.08 14.75 -16.76
C ALA A 99 -3.89 14.33 -15.90
N ALA A 100 -3.47 15.14 -14.94
CA ALA A 100 -2.31 14.81 -14.17
C ALA A 100 -2.62 13.96 -12.95
N TYR A 101 -3.86 13.53 -12.77
CA TYR A 101 -4.28 12.98 -11.48
C TYR A 101 -4.68 11.51 -11.59
N TRP A 102 -4.51 10.81 -10.46
CA TRP A 102 -5.01 9.45 -10.26
C TRP A 102 -5.87 9.46 -8.98
N GLY A 103 -6.93 8.67 -8.97
CA GLY A 103 -7.65 8.43 -7.72
C GLY A 103 -6.87 7.50 -6.80
N GLN A 104 -7.41 7.32 -5.58
CA GLN A 104 -6.66 6.56 -4.58
C GLN A 104 -6.85 5.07 -4.74
N GLY A 105 -7.76 4.66 -5.59
CA GLY A 105 -8.07 3.27 -5.93
C GLY A 105 -9.26 2.78 -5.13
N THR A 106 -10.01 1.85 -5.73
CA THR A 106 -11.12 1.13 -5.07
C THR A 106 -10.81 -0.35 -5.10
N LEU A 107 -10.75 -1.00 -3.93
CA LEU A 107 -10.49 -2.43 -3.85
C LEU A 107 -11.81 -3.18 -3.99
N VAL A 108 -11.85 -4.12 -4.92
CA VAL A 108 -13.02 -4.97 -5.14
C VAL A 108 -12.62 -6.41 -4.85
N THR A 109 -13.30 -7.05 -3.89
CA THR A 109 -13.07 -8.47 -3.62
C THR A 109 -14.28 -9.23 -4.12
N VAL A 110 -14.08 -10.19 -5.02
CA VAL A 110 -15.14 -11.06 -5.50
C VAL A 110 -15.13 -12.31 -4.66
N SER A 111 -16.18 -12.54 -3.88
CA SER A 111 -16.24 -13.68 -3.01
C SER A 111 -17.67 -13.86 -2.57
N SER A 112 -18.06 -15.09 -2.33
CA SER A 112 -19.35 -15.41 -1.76
C SER A 112 -19.35 -15.49 -0.24
N ALA A 113 -18.19 -15.34 0.41
CA ALA A 113 -18.16 -15.45 1.87
C ALA A 113 -18.77 -14.19 2.52
N SER A 114 -19.31 -14.37 3.74
CA SER A 114 -19.89 -13.25 4.46
CA SER A 114 -19.89 -13.24 4.45
C SER A 114 -18.80 -12.31 4.99
N THR A 115 -19.17 -11.05 5.13
CA THR A 115 -18.23 -10.10 5.66
C THR A 115 -18.10 -10.35 7.18
N LYS A 116 -16.93 -10.04 7.73
CA LYS A 116 -16.74 -10.18 9.17
C LYS A 116 -15.91 -9.01 9.64
N GLY A 117 -16.39 -8.28 10.64
CA GLY A 117 -15.65 -7.17 11.20
C GLY A 117 -14.52 -7.59 12.13
N PRO A 118 -13.54 -6.72 12.30
CA PRO A 118 -12.35 -7.05 13.12
C PRO A 118 -12.58 -6.94 14.63
N SER A 119 -11.81 -7.74 15.39
CA SER A 119 -11.60 -7.48 16.81
C SER A 119 -10.34 -6.65 16.94
N VAL A 120 -10.34 -5.68 17.87
CA VAL A 120 -9.19 -4.77 18.02
C VAL A 120 -8.65 -4.94 19.43
N PHE A 121 -7.34 -5.21 19.55
CA PHE A 121 -6.78 -5.44 20.88
C PHE A 121 -5.57 -4.55 21.04
N PRO A 122 -5.31 -4.07 22.24
CA PRO A 122 -4.15 -3.18 22.40
C PRO A 122 -2.84 -3.96 22.46
N LEU A 123 -1.80 -3.35 21.86
CA LEU A 123 -0.41 -3.74 22.08
C LEU A 123 0.15 -2.72 23.07
N ALA A 124 0.08 -3.09 24.34
CA ALA A 124 0.30 -2.09 25.38
C ALA A 124 1.80 -1.82 25.58
N PRO A 125 2.21 -0.59 25.77
CA PRO A 125 3.65 -0.35 25.99
C PRO A 125 4.02 -0.71 27.41
N SER A 126 5.28 -1.09 27.58
CA SER A 126 5.76 -1.49 28.89
C SER A 126 7.27 -1.42 28.84
N SER A 127 7.94 -1.84 29.91
CA SER A 127 9.39 -1.88 29.88
CA SER A 127 9.40 -1.86 29.88
C SER A 127 9.89 -2.86 28.84
N LYS A 128 9.03 -3.76 28.37
CA LYS A 128 9.45 -4.72 27.36
C LYS A 128 9.27 -4.19 25.97
N SER A 129 8.64 -3.03 25.83
CA SER A 129 8.59 -2.37 24.52
C SER A 129 9.23 -0.99 24.57
N THR A 130 10.34 -0.88 25.24
CA THR A 130 11.18 0.31 25.18
C THR A 130 12.51 -0.03 24.52
N SER A 131 13.07 0.94 23.82
CA SER A 131 14.39 0.77 23.20
C SER A 131 15.02 2.15 23.09
N GLY A 132 16.19 2.31 23.66
CA GLY A 132 16.89 3.61 23.58
C GLY A 132 16.08 4.84 23.91
N GLY A 133 15.22 4.78 24.96
CA GLY A 133 14.43 5.94 25.30
C GLY A 133 13.12 6.10 24.54
N THR A 134 12.84 5.26 23.56
CA THR A 134 11.56 5.32 22.90
C THR A 134 10.73 4.15 23.38
N ALA A 135 9.43 4.26 23.21
CA ALA A 135 8.54 3.15 23.47
C ALA A 135 7.69 2.89 22.25
N ALA A 136 7.35 1.63 22.02
CA ALA A 136 6.40 1.25 20.99
C ALA A 136 5.08 0.84 21.63
N LEU A 137 4.00 1.09 20.90
CA LEU A 137 2.64 0.71 21.30
C LEU A 137 1.87 0.50 20.00
N GLY A 138 0.71 -0.12 20.10
CA GLY A 138 -0.01 -0.33 18.86
C GLY A 138 -1.34 -0.97 19.08
N CYS A 139 -1.98 -1.42 17.96
CA CYS A 139 -3.20 -2.20 18.07
CA CYS A 139 -3.26 -2.13 18.00
C CYS A 139 -3.16 -3.35 17.10
N LEU A 140 -3.64 -4.47 17.56
CA LEU A 140 -3.70 -5.71 16.79
C LEU A 140 -5.14 -5.81 16.26
N VAL A 141 -5.30 -5.87 14.94
CA VAL A 141 -6.62 -5.87 14.33
C VAL A 141 -6.83 -7.26 13.74
N LYS A 142 -7.70 -8.04 14.34
CA LYS A 142 -7.69 -9.46 14.04
C LYS A 142 -9.03 -9.92 13.49
N ASP A 143 -8.97 -10.88 12.55
CA ASP A 143 -10.09 -11.74 12.17
C ASP A 143 -11.16 -11.00 11.37
N TYR A 144 -10.73 -10.34 10.29
CA TYR A 144 -11.71 -9.66 9.47
C TYR A 144 -11.70 -10.20 8.04
N PHE A 145 -12.77 -9.86 7.32
CA PHE A 145 -12.89 -10.27 5.92
C PHE A 145 -13.89 -9.35 5.25
N PRO A 146 -13.60 -8.82 4.05
CA PRO A 146 -12.37 -8.92 3.28
C PRO A 146 -11.45 -7.78 3.63
N GLU A 147 -10.37 -7.61 2.90
CA GLU A 147 -9.60 -6.39 3.01
C GLU A 147 -10.43 -5.26 2.41
N PRO A 148 -10.12 -4.00 2.72
CA PRO A 148 -9.14 -3.53 3.69
C PRO A 148 -9.77 -3.04 4.99
N VAL A 149 -8.95 -2.99 6.03
CA VAL A 149 -9.22 -2.10 7.16
C VAL A 149 -8.34 -0.89 6.98
N THR A 150 -8.86 0.26 7.36
CA THR A 150 -8.00 1.44 7.49
C THR A 150 -7.78 1.71 8.97
N VAL A 151 -6.57 2.15 9.32
CA VAL A 151 -6.20 2.46 10.70
C VAL A 151 -5.66 3.88 10.74
N SER A 152 -6.21 4.71 11.64
CA SER A 152 -5.58 5.99 11.89
C SER A 152 -5.33 6.05 13.38
N TRP A 153 -4.56 7.04 13.79
CA TRP A 153 -4.25 7.22 15.21
C TRP A 153 -4.69 8.63 15.57
N ASN A 154 -5.39 8.72 16.70
CA ASN A 154 -5.89 10.02 17.16
C ASN A 154 -6.62 10.81 16.08
N SER A 155 -7.52 10.11 15.38
CA SER A 155 -8.39 10.70 14.36
C SER A 155 -7.59 11.31 13.23
N GLY A 156 -6.41 10.75 12.98
CA GLY A 156 -5.53 11.18 11.90
C GLY A 156 -4.54 12.24 12.31
N ALA A 157 -4.59 12.69 13.57
CA ALA A 157 -3.61 13.67 14.03
C ALA A 157 -2.24 13.06 14.28
N LEU A 158 -2.12 11.73 14.47
CA LEU A 158 -0.86 11.06 14.78
C LEU A 158 -0.45 10.23 13.56
N THR A 159 0.60 10.68 12.84
CA THR A 159 1.07 9.96 11.65
C THR A 159 2.56 9.64 11.70
N SER A 160 3.34 10.47 12.37
CA SER A 160 4.79 10.29 12.39
C SER A 160 5.14 9.01 13.13
N GLY A 161 6.02 8.21 12.54
CA GLY A 161 6.43 6.99 13.25
C GLY A 161 5.40 5.90 13.31
N VAL A 162 4.31 6.00 12.59
CA VAL A 162 3.31 4.93 12.54
C VAL A 162 3.71 3.94 11.47
N HIS A 163 3.58 2.66 11.76
CA HIS A 163 3.79 1.61 10.77
C HIS A 163 2.54 0.75 10.83
N THR A 164 1.73 0.77 9.77
CA THR A 164 0.56 -0.09 9.70
C THR A 164 0.95 -1.20 8.74
N PHE A 165 1.09 -2.40 9.28
CA PHE A 165 1.70 -3.46 8.49
C PHE A 165 0.71 -4.01 7.48
N PRO A 166 1.22 -4.49 6.36
CA PRO A 166 0.39 -5.27 5.43
C PRO A 166 -0.25 -6.42 6.17
N ALA A 167 -1.52 -6.64 5.90
CA ALA A 167 -2.23 -7.75 6.51
C ALA A 167 -1.63 -9.09 6.17
N VAL A 168 -1.81 -10.04 7.10
CA VAL A 168 -1.46 -11.42 6.81
C VAL A 168 -2.77 -12.17 6.67
N LEU A 169 -2.70 -13.27 5.94
CA LEU A 169 -3.83 -14.15 5.80
C LEU A 169 -3.69 -15.25 6.83
N GLN A 170 -4.70 -15.39 7.69
CA GLN A 170 -4.62 -16.42 8.70
C GLN A 170 -5.08 -17.77 8.15
N SER A 171 -4.71 -18.83 8.85
CA SER A 171 -5.14 -20.15 8.35
C SER A 171 -6.66 -20.29 8.32
N SER A 172 -7.40 -19.47 9.05
CA SER A 172 -8.86 -19.50 8.94
C SER A 172 -9.38 -18.89 7.65
N GLY A 173 -8.56 -18.16 6.90
CA GLY A 173 -9.05 -17.40 5.76
C GLY A 173 -9.43 -15.98 6.14
N LEU A 174 -9.30 -15.63 7.40
CA LEU A 174 -9.52 -14.25 7.79
C LEU A 174 -8.20 -13.50 7.81
N TYR A 175 -8.29 -12.18 7.79
CA TYR A 175 -7.08 -11.37 7.78
C TYR A 175 -6.78 -10.82 9.18
N SER A 176 -5.54 -10.41 9.37
CA SER A 176 -5.09 -9.77 10.59
CA SER A 176 -5.11 -9.75 10.59
C SER A 176 -3.98 -8.78 10.27
N LEU A 177 -3.96 -7.65 10.98
CA LEU A 177 -2.80 -6.79 10.84
C LEU A 177 -2.51 -6.14 12.19
N SER A 178 -1.36 -5.48 12.29
CA SER A 178 -1.10 -4.63 13.43
CA SER A 178 -1.09 -4.64 13.44
C SER A 178 -0.67 -3.26 12.95
N SER A 179 -0.95 -2.27 13.77
CA SER A 179 -0.49 -0.91 13.50
C SER A 179 0.26 -0.49 14.75
N VAL A 180 1.50 -0.01 14.57
CA VAL A 180 2.30 0.35 15.73
C VAL A 180 2.82 1.77 15.56
N VAL A 181 3.20 2.36 16.68
CA VAL A 181 3.82 3.68 16.66
C VAL A 181 4.94 3.71 17.67
N THR A 182 6.01 4.44 17.38
CA THR A 182 7.05 4.67 18.38
C THR A 182 6.94 6.09 18.87
N VAL A 183 7.04 6.27 20.19
CA VAL A 183 6.84 7.58 20.82
C VAL A 183 7.86 7.73 21.94
N PRO A 184 7.99 8.89 22.54
CA PRO A 184 8.90 9.00 23.73
C PRO A 184 8.42 8.11 24.84
N SER A 185 9.36 7.45 25.52
CA SER A 185 8.85 6.67 26.62
C SER A 185 8.48 7.59 27.78
N SER A 186 8.97 8.84 27.79
CA SER A 186 8.71 9.79 28.87
C SER A 186 7.26 10.26 28.88
N SER A 187 6.52 9.96 27.81
CA SER A 187 5.24 10.58 27.47
C SER A 187 4.04 9.71 27.84
N LEU A 188 4.24 8.49 28.33
CA LEU A 188 3.12 7.58 28.31
C LEU A 188 2.09 7.93 29.37
N GLY A 189 2.46 8.71 30.39
CA GLY A 189 1.50 9.10 31.42
C GLY A 189 0.65 10.29 31.05
N THR A 190 1.06 11.08 30.06
CA THR A 190 0.34 12.31 29.71
C THR A 190 -0.31 12.25 28.34
N GLN A 191 0.25 11.48 27.40
CA GLN A 191 -0.32 11.51 26.05
C GLN A 191 -1.39 10.43 25.93
N THR A 192 -2.34 10.64 25.03
CA THR A 192 -3.31 9.60 24.77
CA THR A 192 -3.34 9.61 24.76
C THR A 192 -3.14 9.11 23.35
N TYR A 193 -3.16 7.79 23.18
CA TYR A 193 -2.97 7.15 21.91
C TYR A 193 -4.19 6.28 21.64
N ILE A 194 -5.00 6.68 20.65
CA ILE A 194 -6.22 5.95 20.33
C ILE A 194 -6.10 5.47 18.88
N CYS A 195 -6.30 4.17 18.65
CA CYS A 195 -6.29 3.68 17.27
C CYS A 195 -7.72 3.66 16.75
N ASN A 196 -7.93 4.18 15.53
CA ASN A 196 -9.25 4.26 14.93
C ASN A 196 -9.25 3.26 13.77
N VAL A 197 -10.11 2.26 13.85
CA VAL A 197 -10.12 1.15 12.89
C VAL A 197 -11.44 1.17 12.14
N ASN A 198 -11.39 1.21 10.82
CA ASN A 198 -12.60 1.26 10.02
C ASN A 198 -12.58 0.07 9.07
N HIS A 199 -13.70 -0.64 8.98
CA HIS A 199 -13.82 -1.75 8.02
C HIS A 199 -15.13 -1.51 7.29
N LYS A 200 -15.07 -0.94 6.08
CA LYS A 200 -16.29 -0.55 5.39
C LYS A 200 -17.20 -1.71 5.01
N PRO A 201 -16.69 -2.86 4.54
CA PRO A 201 -17.61 -3.93 4.12
C PRO A 201 -18.52 -4.41 5.23
N SER A 202 -18.06 -4.35 6.48
CA SER A 202 -18.91 -4.79 7.59
C SER A 202 -19.50 -3.63 8.34
N ASN A 203 -19.26 -2.40 7.88
CA ASN A 203 -19.75 -1.21 8.56
C ASN A 203 -19.32 -1.21 10.03
N THR A 204 -18.05 -1.51 10.26
CA THR A 204 -17.46 -1.59 11.58
C THR A 204 -16.55 -0.38 11.82
N LYS A 205 -16.75 0.31 12.93
CA LYS A 205 -15.86 1.39 13.36
C LYS A 205 -15.52 1.17 14.83
N VAL A 206 -14.23 1.08 15.14
CA VAL A 206 -13.74 0.82 16.50
C VAL A 206 -12.71 1.90 16.85
N ASP A 207 -12.83 2.50 18.03
CA ASP A 207 -11.75 3.34 18.60
C ASP A 207 -11.29 2.72 19.89
N LYS A 208 -9.99 2.46 20.01
CA LYS A 208 -9.44 1.76 21.18
C LYS A 208 -8.29 2.58 21.75
N LYS A 209 -8.43 2.94 23.02
CA LYS A 209 -7.39 3.67 23.71
C LYS A 209 -6.35 2.66 24.17
N VAL A 210 -5.10 2.90 23.86
CA VAL A 210 -4.04 1.97 24.23
C VAL A 210 -3.40 2.47 25.50
N GLU A 211 -3.49 1.69 26.59
CA GLU A 211 -3.00 2.09 27.90
C GLU A 211 -1.76 1.30 28.22
N PRO A 212 -0.82 1.90 28.92
CA PRO A 212 0.41 1.19 29.25
C PRO A 212 0.15 0.09 30.26
N LYS A 213 1.01 -0.90 30.22
CA LYS A 213 1.13 -1.87 31.31
C LYS A 213 2.11 -1.33 32.35
N SER A 214 1.91 -1.73 33.62
CA SER A 214 2.77 -1.29 34.71
C SER A 214 4.14 -1.97 34.71
N CYS A 215 4.25 -3.18 34.13
CA CYS A 215 5.51 -3.93 34.13
C CYS A 215 6.62 -3.27 33.30
N ASP B 1 -1.79 -5.13 -30.13
CA ASP B 1 -1.56 -4.08 -29.12
C ASP B 1 -0.16 -3.64 -29.15
N VAL B 2 0.09 -2.40 -28.76
CA VAL B 2 1.44 -1.87 -28.72
C VAL B 2 2.06 -2.25 -27.38
N VAL B 3 3.19 -2.97 -27.41
CA VAL B 3 3.87 -3.51 -26.22
C VAL B 3 4.84 -2.45 -25.75
N MET B 4 4.85 -2.18 -24.45
CA MET B 4 5.79 -1.22 -23.89
C MET B 4 6.80 -2.02 -23.06
N THR B 5 8.06 -2.03 -23.50
CA THR B 5 9.09 -2.82 -22.84
C THR B 5 9.91 -1.88 -21.98
N GLN B 6 9.82 -2.04 -20.67
CA GLN B 6 10.56 -1.23 -19.73
C GLN B 6 11.75 -1.98 -19.12
N THR B 7 12.91 -1.32 -19.09
CA THR B 7 14.08 -1.88 -18.41
C THR B 7 14.81 -0.80 -17.65
N PRO B 8 15.54 -1.17 -16.61
CA PRO B 8 15.60 -2.49 -15.99
C PRO B 8 14.32 -2.81 -15.19
N LEU B 9 14.21 -4.07 -14.74
CA LEU B 9 13.13 -4.47 -13.86
C LEU B 9 13.28 -3.83 -12.49
N THR B 10 14.52 -3.79 -11.98
CA THR B 10 14.85 -3.20 -10.70
C THR B 10 16.05 -2.27 -10.79
N LEU B 11 15.96 -1.15 -10.08
CA LEU B 11 17.06 -0.22 -9.86
C LEU B 11 17.40 -0.21 -8.37
N SER B 12 18.62 -0.55 -8.01
CA SER B 12 19.09 -0.48 -6.64
CA SER B 12 19.07 -0.46 -6.63
C SER B 12 20.14 0.61 -6.59
N VAL B 13 19.79 1.76 -6.00
CA VAL B 13 20.65 2.94 -6.12
C VAL B 13 20.94 3.53 -4.75
N THR B 14 22.08 4.26 -4.68
CA THR B 14 22.38 4.98 -3.46
C THR B 14 21.89 6.42 -3.60
N ILE B 15 21.74 7.10 -2.47
CA ILE B 15 21.33 8.51 -2.50
C ILE B 15 22.40 9.30 -3.23
N GLY B 16 21.97 10.15 -4.16
CA GLY B 16 22.84 10.99 -4.94
C GLY B 16 23.26 10.40 -6.29
N GLN B 17 23.02 9.11 -6.52
CA GLN B 17 23.40 8.41 -7.77
C GLN B 17 22.45 8.83 -8.89
N PRO B 18 22.94 9.00 -10.14
CA PRO B 18 21.99 9.14 -11.26
C PRO B 18 21.31 7.82 -11.55
N ALA B 19 20.16 7.89 -12.16
CA ALA B 19 19.44 6.70 -12.53
C ALA B 19 18.77 6.94 -13.87
N SER B 20 18.58 5.86 -14.62
CA SER B 20 17.83 6.01 -15.87
C SER B 20 16.99 4.78 -16.13
N ILE B 21 15.84 5.00 -16.77
CA ILE B 21 14.88 3.95 -17.04
C ILE B 21 14.55 4.06 -18.52
N SER B 22 14.56 2.92 -19.22
CA SER B 22 14.29 2.89 -20.67
C SER B 22 12.91 2.32 -20.92
N CYS B 23 12.18 2.90 -21.90
CA CYS B 23 10.88 2.37 -22.31
C CYS B 23 10.93 2.26 -23.82
N LYS B 24 10.73 1.06 -24.38
CA LYS B 24 10.71 0.92 -25.84
C LYS B 24 9.33 0.45 -26.26
N SER B 25 8.71 1.15 -27.21
CA SER B 25 7.42 0.71 -27.70
C SER B 25 7.57 -0.11 -28.98
N SER B 26 6.62 -1.02 -29.21
CA SER B 26 6.74 -1.88 -30.38
C SER B 26 6.31 -1.19 -31.68
N GLN B 27 5.71 -0.03 -31.56
CA GLN B 27 5.33 0.79 -32.71
C GLN B 27 5.55 2.26 -32.36
N SER B 28 5.73 3.08 -33.39
CA SER B 28 5.87 4.51 -33.12
C SER B 28 4.71 5.08 -32.32
N LEU B 29 5.02 6.01 -31.41
CA LEU B 29 4.01 6.66 -30.60
C LEU B 29 3.65 8.05 -31.13
N LEU B 30 4.09 8.40 -32.35
CA LEU B 30 3.76 9.70 -32.92
C LEU B 30 2.32 9.67 -33.35
N TYR B 31 1.52 10.61 -32.85
CA TYR B 31 0.12 10.70 -33.25
C TYR B 31 -0.05 11.72 -34.36
N SER B 32 -1.22 11.69 -35.01
CA SER B 32 -1.46 12.47 -36.21
C SER B 32 -1.64 13.97 -35.96
N ASP B 33 -1.71 14.39 -34.70
CA ASP B 33 -1.65 15.81 -34.37
C ASP B 33 -0.23 16.28 -34.13
N GLY B 34 0.77 15.41 -34.36
CA GLY B 34 2.15 15.79 -34.19
C GLY B 34 2.71 15.62 -32.81
N LYS B 35 1.89 15.23 -31.84
CA LYS B 35 2.34 14.99 -30.47
C LYS B 35 2.66 13.51 -30.27
N THR B 36 3.54 13.25 -29.33
CA THR B 36 3.88 11.88 -28.92
C THR B 36 3.40 11.67 -27.48
N TYR B 37 2.40 10.81 -27.33
CA TYR B 37 1.71 10.69 -26.05
C TYR B 37 2.37 9.60 -25.22
N LEU B 38 3.51 9.96 -24.60
CA LEU B 38 4.26 9.03 -23.74
C LEU B 38 4.32 9.69 -22.37
N ASN B 39 3.77 9.00 -21.38
CA ASN B 39 3.68 9.49 -20.00
C ASN B 39 4.56 8.64 -19.09
N TRP B 40 5.07 9.26 -18.03
CA TRP B 40 5.77 8.52 -16.97
C TRP B 40 5.04 8.74 -15.66
N LEU B 41 4.92 7.64 -14.85
CA LEU B 41 4.22 7.62 -13.58
C LEU B 41 5.17 7.08 -12.53
N LEU B 42 4.91 7.48 -11.28
CA LEU B 42 5.57 6.91 -10.10
C LEU B 42 4.49 6.45 -9.14
N GLN B 43 4.56 5.20 -8.66
CA GLN B 43 3.65 4.73 -7.63
C GLN B 43 4.54 4.39 -6.45
N ARG B 44 4.53 5.25 -5.42
CA ARG B 44 5.32 4.94 -4.24
C ARG B 44 4.65 3.82 -3.48
N PRO B 45 5.38 3.13 -2.61
CA PRO B 45 4.78 1.96 -1.97
C PRO B 45 3.57 2.36 -1.11
N GLY B 46 2.43 1.72 -1.36
CA GLY B 46 1.24 2.01 -0.64
C GLY B 46 0.32 3.08 -1.21
N GLN B 47 0.73 3.80 -2.27
CA GLN B 47 -0.04 4.90 -2.84
C GLN B 47 -0.58 4.57 -4.24
N SER B 48 -1.40 5.47 -4.72
CA SER B 48 -1.82 5.46 -6.11
C SER B 48 -0.72 6.03 -6.99
N PRO B 49 -0.78 5.81 -8.29
CA PRO B 49 0.20 6.44 -9.16
C PRO B 49 0.09 7.96 -9.13
N LYS B 50 1.17 8.60 -9.55
CA LYS B 50 1.20 10.04 -9.76
C LYS B 50 1.88 10.28 -11.11
N ARG B 51 1.34 11.17 -11.98
CA ARG B 51 2.05 11.42 -13.21
C ARG B 51 3.21 12.38 -13.00
N LEU B 52 4.37 12.07 -13.55
CA LEU B 52 5.55 12.91 -13.48
C LEU B 52 5.77 13.68 -14.77
N ILE B 53 5.54 13.00 -15.91
CA ILE B 53 5.90 13.55 -17.20
C ILE B 53 4.82 13.18 -18.21
N SER B 54 4.48 14.13 -19.10
CA SER B 54 3.59 13.84 -20.21
C SER B 54 4.27 14.30 -21.48
N LEU B 55 3.71 13.94 -22.66
CA LEU B 55 4.27 14.35 -23.97
C LEU B 55 5.80 14.22 -24.00
N VAL B 56 6.28 13.07 -23.50
CA VAL B 56 7.69 12.63 -23.55
C VAL B 56 8.56 13.36 -22.50
N SER B 57 8.49 14.69 -22.49
CA SER B 57 9.49 15.46 -21.76
C SER B 57 8.91 16.51 -20.83
N GLU B 58 7.58 16.69 -20.78
CA GLU B 58 7.03 17.85 -20.07
C GLU B 58 6.70 17.48 -18.64
N LEU B 59 7.41 18.11 -17.67
CA LEU B 59 7.20 17.79 -16.26
C LEU B 59 5.87 18.34 -15.80
N ASP B 60 5.22 17.60 -14.93
CA ASP B 60 4.03 18.09 -14.28
C ASP B 60 4.38 19.08 -13.19
N SER B 61 3.40 19.91 -12.85
CA SER B 61 3.53 20.87 -11.75
C SER B 61 3.99 20.17 -10.46
N GLY B 62 5.03 20.73 -9.81
CA GLY B 62 5.52 20.18 -8.58
C GLY B 62 6.57 19.10 -8.72
N VAL B 63 6.83 18.61 -9.91
CA VAL B 63 7.83 17.55 -10.07
C VAL B 63 9.22 18.18 -10.06
N PRO B 64 10.17 17.65 -9.28
CA PRO B 64 11.50 18.25 -9.19
C PRO B 64 12.24 18.20 -10.52
N ASP B 65 13.08 19.23 -10.75
CA ASP B 65 13.79 19.27 -12.02
C ASP B 65 14.91 18.24 -12.10
N ARG B 66 15.13 17.42 -11.05
CA ARG B 66 16.00 16.27 -11.16
C ARG B 66 15.47 15.24 -12.17
N PHE B 67 14.20 15.33 -12.54
CA PHE B 67 13.62 14.38 -13.47
C PHE B 67 13.65 14.95 -14.87
N THR B 68 14.07 14.14 -15.87
CA THR B 68 13.93 14.58 -17.25
CA THR B 68 14.05 14.55 -17.27
C THR B 68 13.47 13.41 -18.11
N GLY B 69 12.71 13.72 -19.13
CA GLY B 69 12.19 12.70 -20.04
C GLY B 69 12.68 13.03 -21.44
N SER B 70 13.06 11.99 -22.18
CA SER B 70 13.54 12.23 -23.53
C SER B 70 13.14 11.08 -24.43
N GLY B 71 13.24 11.32 -25.72
CA GLY B 71 13.07 10.26 -26.68
C GLY B 71 12.19 10.68 -27.82
N SER B 72 11.97 9.74 -28.73
CA SER B 72 11.08 9.94 -29.87
C SER B 72 10.79 8.58 -30.50
N GLY B 73 9.65 8.52 -31.19
CA GLY B 73 9.38 7.37 -32.03
C GLY B 73 9.06 6.18 -31.19
N THR B 74 10.06 5.30 -31.01
CA THR B 74 9.88 4.11 -30.17
C THR B 74 10.76 4.03 -28.94
N ASP B 75 11.70 4.94 -28.73
CA ASP B 75 12.69 4.78 -27.67
C ASP B 75 12.63 5.99 -26.74
N PHE B 76 12.41 5.74 -25.45
CA PHE B 76 12.16 6.81 -24.48
C PHE B 76 12.95 6.54 -23.23
N THR B 77 13.34 7.60 -22.54
CA THR B 77 14.12 7.43 -21.31
CA THR B 77 14.07 7.40 -21.30
C THR B 77 13.63 8.42 -20.26
N LEU B 78 13.58 7.96 -19.02
CA LEU B 78 13.36 8.83 -17.86
C LEU B 78 14.69 8.86 -17.11
N LYS B 79 15.20 10.03 -16.84
CA LYS B 79 16.46 10.11 -16.07
C LYS B 79 16.23 10.87 -14.78
N ILE B 80 16.92 10.42 -13.71
CA ILE B 80 16.96 11.17 -12.46
C ILE B 80 18.41 11.61 -12.29
N SER B 81 18.63 12.93 -12.17
CA SER B 81 20.02 13.41 -12.11
C SER B 81 20.74 12.94 -10.85
N ARG B 82 20.05 12.95 -9.71
CA ARG B 82 20.63 12.46 -8.45
C ARG B 82 19.44 11.98 -7.61
N VAL B 83 19.47 10.70 -7.24
CA VAL B 83 18.33 10.07 -6.58
C VAL B 83 18.23 10.60 -5.16
N GLU B 84 17.00 10.86 -4.70
CA GLU B 84 16.72 11.17 -3.29
C GLU B 84 15.86 10.07 -2.70
N ALA B 85 15.85 10.00 -1.37
CA ALA B 85 15.14 8.91 -0.67
C ALA B 85 13.68 8.81 -1.07
N GLU B 86 13.04 9.95 -1.34
CA GLU B 86 11.62 9.93 -1.68
C GLU B 86 11.33 9.47 -3.11
N ASP B 87 12.32 9.16 -3.92
CA ASP B 87 12.12 8.71 -5.27
C ASP B 87 11.81 7.22 -5.38
N LEU B 88 11.79 6.52 -4.26
CA LEU B 88 11.56 5.08 -4.33
C LEU B 88 10.13 4.77 -4.78
N GLY B 89 9.94 3.59 -5.32
CA GLY B 89 8.62 3.24 -5.81
C GLY B 89 8.74 2.50 -7.10
N VAL B 90 7.64 2.37 -7.83
CA VAL B 90 7.66 1.71 -9.12
C VAL B 90 7.31 2.78 -10.18
N TYR B 91 8.18 2.93 -11.16
CA TYR B 91 7.96 3.86 -12.26
C TYR B 91 7.31 3.09 -13.40
N TYR B 92 6.35 3.71 -14.09
CA TYR B 92 5.73 3.08 -15.26
C TYR B 92 5.73 4.07 -16.40
N CYS B 93 5.92 3.57 -17.62
CA CYS B 93 5.61 4.39 -18.77
C CYS B 93 4.24 4.01 -19.27
N TRP B 94 3.56 4.94 -19.97
CA TRP B 94 2.36 4.47 -20.63
C TRP B 94 2.06 5.33 -21.83
N GLN B 95 1.55 4.67 -22.83
CA GLN B 95 1.37 5.33 -24.13
C GLN B 95 -0.08 5.59 -24.37
N GLY B 96 -0.35 6.79 -24.90
CA GLY B 96 -1.69 7.25 -25.15
C GLY B 96 -2.04 7.38 -26.62
N THR B 97 -1.19 6.87 -27.52
CA THR B 97 -1.39 7.03 -28.96
C THR B 97 -2.29 5.96 -29.59
N HIS B 98 -2.18 4.74 -29.12
CA HIS B 98 -2.79 3.59 -29.76
C HIS B 98 -3.88 3.03 -28.87
N PHE B 99 -4.75 2.24 -29.48
CA PHE B 99 -5.74 1.47 -28.72
C PHE B 99 -5.41 0.00 -28.75
N PRO B 100 -5.43 -0.71 -27.62
CA PRO B 100 -5.76 -0.15 -26.29
C PRO B 100 -4.60 0.68 -25.77
N ARG B 101 -4.87 1.61 -24.83
CA ARG B 101 -3.76 2.21 -24.11
C ARG B 101 -3.02 1.10 -23.37
N THR B 102 -1.69 1.21 -23.28
CA THR B 102 -0.87 0.18 -22.65
C THR B 102 0.24 0.80 -21.79
N PHE B 103 0.69 0.02 -20.80
CA PHE B 103 1.65 0.43 -19.79
C PHE B 103 2.88 -0.47 -19.88
N GLY B 104 4.03 0.07 -19.58
CA GLY B 104 5.17 -0.80 -19.34
C GLY B 104 4.98 -1.61 -18.05
N GLY B 105 5.84 -2.63 -17.88
CA GLY B 105 5.75 -3.53 -16.73
C GLY B 105 6.21 -2.97 -15.40
N GLY B 106 6.76 -1.77 -15.35
CA GLY B 106 7.23 -1.15 -14.12
C GLY B 106 8.72 -1.39 -13.91
N THR B 107 9.36 -0.39 -13.32
CA THR B 107 10.73 -0.51 -12.78
C THR B 107 10.66 -0.15 -11.33
N LYS B 108 11.13 -1.05 -10.47
CA LYS B 108 11.12 -0.81 -9.03
C LYS B 108 12.42 -0.11 -8.68
N LEU B 109 12.35 1.06 -8.07
CA LEU B 109 13.56 1.77 -7.62
C LEU B 109 13.62 1.57 -6.12
N GLU B 110 14.70 0.92 -5.65
CA GLU B 110 14.92 0.72 -4.23
C GLU B 110 16.20 1.42 -3.81
N ILE B 111 16.23 1.90 -2.59
CA ILE B 111 17.35 2.69 -2.09
C ILE B 111 18.30 1.79 -1.30
N LYS B 112 19.60 1.85 -1.63
CA LYS B 112 20.63 1.23 -0.83
C LYS B 112 21.21 2.24 0.16
N ARG B 113 21.33 1.85 1.42
CA ARG B 113 21.77 2.76 2.48
C ARG B 113 22.66 1.99 3.43
N THR B 114 23.18 2.68 4.45
CA THR B 114 24.04 1.99 5.40
C THR B 114 23.22 0.99 6.20
N VAL B 115 23.92 -0.01 6.76
CA VAL B 115 23.25 -0.94 7.65
C VAL B 115 22.77 -0.22 8.89
N ALA B 116 21.56 -0.56 9.34
CA ALA B 116 20.91 0.04 10.51
C ALA B 116 20.30 -1.09 11.32
N ALA B 117 20.67 -1.19 12.60
CA ALA B 117 20.12 -2.26 13.38
C ALA B 117 18.65 -2.02 13.74
N PRO B 118 17.88 -3.08 13.94
CA PRO B 118 16.50 -2.90 14.42
C PRO B 118 16.46 -2.56 15.90
N SER B 119 15.50 -1.71 16.25
CA SER B 119 15.05 -1.62 17.63
C SER B 119 14.03 -2.74 17.83
N VAL B 120 14.12 -3.47 18.94
CA VAL B 120 13.30 -4.64 19.10
C VAL B 120 12.39 -4.44 20.31
N PHE B 121 11.13 -4.82 20.14
CA PHE B 121 10.10 -4.59 21.13
C PHE B 121 9.23 -5.83 21.26
N ILE B 122 8.69 -6.11 22.46
CA ILE B 122 7.81 -7.28 22.57
C ILE B 122 6.54 -6.88 23.34
N PHE B 123 5.42 -7.46 22.95
CA PHE B 123 4.11 -7.16 23.55
C PHE B 123 3.46 -8.45 24.04
N PRO B 124 3.18 -8.57 25.32
CA PRO B 124 2.40 -9.69 25.82
C PRO B 124 0.96 -9.58 25.36
N PRO B 125 0.19 -10.67 25.40
CA PRO B 125 -1.21 -10.59 24.97
C PRO B 125 -2.02 -9.71 25.90
N SER B 126 -3.04 -9.10 25.34
CA SER B 126 -3.92 -8.27 26.13
C SER B 126 -4.89 -9.12 26.95
N ASP B 127 -5.37 -8.54 28.05
CA ASP B 127 -6.34 -9.29 28.82
C ASP B 127 -7.63 -9.45 28.05
N GLU B 128 -8.01 -8.46 27.23
CA GLU B 128 -9.23 -8.59 26.44
C GLU B 128 -9.15 -9.83 25.55
N GLN B 129 -8.01 -10.03 24.89
CA GLN B 129 -7.88 -11.16 23.98
C GLN B 129 -7.86 -12.48 24.75
N LEU B 130 -7.12 -12.55 25.86
CA LEU B 130 -7.10 -13.76 26.68
C LEU B 130 -8.48 -14.18 27.12
N LYS B 131 -9.32 -13.22 27.53
CA LYS B 131 -10.68 -13.55 27.91
C LYS B 131 -11.44 -14.21 26.78
N SER B 132 -11.07 -13.96 25.53
CA SER B 132 -11.68 -14.59 24.37
C SER B 132 -11.10 -15.96 24.02
N GLY B 133 -10.03 -16.39 24.67
CA GLY B 133 -9.54 -17.73 24.50
C GLY B 133 -8.29 -17.88 23.63
N THR B 134 -7.65 -16.77 23.25
CA THR B 134 -6.48 -16.78 22.39
C THR B 134 -5.43 -15.83 22.96
N ALA B 135 -4.16 -16.11 22.69
CA ALA B 135 -3.06 -15.27 23.12
C ALA B 135 -2.20 -14.99 21.90
N SER B 136 -2.10 -13.74 21.49
CA SER B 136 -1.16 -13.35 20.45
C SER B 136 -0.04 -12.57 21.11
N VAL B 137 1.21 -12.95 20.83
CA VAL B 137 2.39 -12.28 21.35
C VAL B 137 3.08 -11.63 20.16
N VAL B 138 3.41 -10.35 20.25
CA VAL B 138 3.96 -9.66 19.09
C VAL B 138 5.39 -9.23 19.36
N CYS B 139 6.27 -9.49 18.41
CA CYS B 139 7.64 -9.02 18.40
C CYS B 139 7.78 -8.01 17.25
N LEU B 140 8.27 -6.81 17.56
CA LEU B 140 8.35 -5.76 16.55
C LEU B 140 9.83 -5.42 16.32
N LEU B 141 10.28 -5.36 15.07
CA LEU B 141 11.64 -4.89 14.71
C LEU B 141 11.47 -3.59 13.92
N ASN B 142 11.95 -2.48 14.44
CA ASN B 142 11.66 -1.16 13.85
C ASN B 142 12.90 -0.59 13.18
N ASN B 143 12.70 -0.06 11.97
CA ASN B 143 13.62 0.83 11.26
C ASN B 143 15.00 0.23 11.08
N PHE B 144 15.07 -0.88 10.33
CA PHE B 144 16.34 -1.53 10.10
C PHE B 144 16.65 -1.62 8.61
N TYR B 145 17.94 -1.83 8.28
CA TYR B 145 18.39 -2.09 6.92
C TYR B 145 19.62 -2.95 6.99
N PRO B 146 19.74 -4.01 6.17
CA PRO B 146 18.89 -4.41 5.06
C PRO B 146 17.68 -5.17 5.53
N ARG B 147 16.85 -5.57 4.55
CA ARG B 147 15.57 -6.14 4.92
C ARG B 147 15.69 -7.54 5.51
N GLU B 148 16.75 -8.29 5.21
CA GLU B 148 16.89 -9.63 5.77
C GLU B 148 17.03 -9.59 7.28
N ALA B 149 16.22 -10.36 7.99
CA ALA B 149 16.34 -10.42 9.44
C ALA B 149 15.82 -11.79 9.87
N LYS B 150 16.40 -12.36 10.92
CA LYS B 150 16.00 -13.67 11.42
C LYS B 150 15.32 -13.45 12.75
N VAL B 151 14.06 -13.88 12.88
CA VAL B 151 13.33 -13.74 14.12
C VAL B 151 12.92 -15.10 14.57
N GLN B 152 13.38 -15.54 15.76
CA GLN B 152 13.02 -16.83 16.29
C GLN B 152 12.26 -16.71 17.60
N TRP B 153 11.16 -17.48 17.74
CA TRP B 153 10.42 -17.50 18.99
C TRP B 153 10.91 -18.63 19.87
N LYS B 154 11.07 -18.36 21.18
CA LYS B 154 11.43 -19.42 22.11
C LYS B 154 10.49 -19.35 23.29
N VAL B 155 9.94 -20.50 23.65
CA VAL B 155 9.00 -20.61 24.75
C VAL B 155 9.62 -21.55 25.76
N ASP B 156 9.92 -21.01 26.96
CA ASP B 156 10.67 -21.75 27.97
C ASP B 156 11.90 -22.39 27.34
N ASN B 157 12.56 -21.60 26.51
CA ASN B 157 13.81 -21.88 25.81
C ASN B 157 13.67 -22.91 24.69
N ALA B 158 12.47 -23.38 24.42
CA ALA B 158 12.22 -24.31 23.31
C ALA B 158 11.98 -23.50 22.06
N LEU B 159 12.72 -23.82 21.00
CA LEU B 159 12.51 -23.09 19.76
C LEU B 159 11.14 -23.45 19.16
N GLN B 160 10.40 -22.44 18.72
CA GLN B 160 9.05 -22.67 18.21
C GLN B 160 9.10 -22.78 16.69
N SER B 161 8.19 -23.59 16.14
CA SER B 161 7.95 -23.49 14.70
C SER B 161 6.46 -23.67 14.50
N GLY B 162 5.88 -22.95 13.54
CA GLY B 162 4.57 -23.35 13.04
C GLY B 162 3.41 -22.60 13.64
N ASN B 163 3.67 -21.62 14.45
CA ASN B 163 2.65 -20.88 15.18
CA ASN B 163 2.59 -20.87 15.10
C ASN B 163 2.83 -19.38 15.06
N SER B 164 3.63 -18.89 14.10
CA SER B 164 3.81 -17.45 14.01
C SER B 164 3.73 -17.00 12.55
N GLN B 165 3.43 -15.72 12.39
CA GLN B 165 3.36 -15.07 11.07
C GLN B 165 4.05 -13.73 11.09
N GLU B 166 4.75 -13.41 9.99
CA GLU B 166 5.52 -12.18 9.89
C GLU B 166 4.93 -11.28 8.81
N SER B 167 5.15 -9.98 8.99
CA SER B 167 4.76 -9.03 7.95
C SER B 167 5.79 -7.91 7.96
N VAL B 168 6.20 -7.46 6.79
CA VAL B 168 7.24 -6.46 6.65
CA VAL B 168 7.24 -6.46 6.65
CA VAL B 168 7.22 -6.44 6.70
C VAL B 168 6.64 -5.22 5.98
N THR B 169 7.07 -4.04 6.43
CA THR B 169 6.62 -2.85 5.72
C THR B 169 7.32 -2.67 4.38
N GLU B 170 6.73 -1.80 3.54
CA GLU B 170 7.49 -1.22 2.45
C GLU B 170 8.69 -0.40 2.95
N GLN B 171 9.66 -0.17 2.06
CA GLN B 171 10.78 0.68 2.44
C GLN B 171 10.28 2.10 2.70
N ASP B 172 10.83 2.69 3.76
CA ASP B 172 10.39 4.02 4.19
C ASP B 172 10.90 5.12 3.27
N SER B 173 9.99 6.05 2.91
CA SER B 173 10.35 7.08 1.94
C SER B 173 11.27 8.15 2.52
N LYS B 174 11.52 8.15 3.83
CA LYS B 174 12.36 9.17 4.46
C LYS B 174 13.73 8.62 4.89
N ASP B 175 13.77 7.46 5.53
CA ASP B 175 15.04 6.93 6.01
C ASP B 175 15.41 5.60 5.35
N SER B 176 14.61 5.14 4.38
CA SER B 176 14.94 3.97 3.54
C SER B 176 15.10 2.69 4.35
N THR B 177 14.43 2.61 5.51
CA THR B 177 14.53 1.41 6.31
C THR B 177 13.23 0.59 6.18
N TYR B 178 13.23 -0.57 6.82
CA TYR B 178 12.10 -1.50 6.90
C TYR B 178 11.71 -1.71 8.34
N SER B 179 10.48 -2.15 8.56
CA SER B 179 10.07 -2.62 9.88
C SER B 179 9.38 -3.96 9.71
N LEU B 180 9.38 -4.75 10.80
CA LEU B 180 8.83 -6.09 10.66
C LEU B 180 8.10 -6.47 11.95
N SER B 181 6.98 -7.20 11.81
CA SER B 181 6.27 -7.75 12.96
CA SER B 181 6.22 -7.74 12.93
C SER B 181 6.26 -9.26 12.86
N SER B 182 6.38 -9.94 14.02
CA SER B 182 6.21 -11.40 14.09
C SER B 182 5.21 -11.64 15.21
N THR B 183 4.14 -12.36 14.89
CA THR B 183 3.04 -12.61 15.83
C THR B 183 2.97 -14.10 16.08
N LEU B 184 3.21 -14.49 17.34
CA LEU B 184 3.01 -15.86 17.81
C LEU B 184 1.60 -16.00 18.36
N THR B 185 0.83 -16.98 17.85
CA THR B 185 -0.55 -17.13 18.34
C THR B 185 -0.75 -18.52 18.93
N LEU B 186 -1.30 -18.57 20.14
CA LEU B 186 -1.60 -19.79 20.85
C LEU B 186 -3.00 -19.70 21.41
N SER B 187 -3.62 -20.86 21.64
CA SER B 187 -4.83 -20.81 22.43
C SER B 187 -4.46 -20.39 23.85
N LYS B 188 -5.45 -19.92 24.61
CA LYS B 188 -5.17 -19.57 26.00
C LYS B 188 -4.64 -20.76 26.78
N ALA B 189 -5.25 -21.93 26.57
CA ALA B 189 -4.81 -23.12 27.31
C ALA B 189 -3.33 -23.40 27.09
N ASP B 190 -2.87 -23.32 25.83
CA ASP B 190 -1.46 -23.56 25.52
C ASP B 190 -0.55 -22.46 26.08
N TYR B 191 -0.94 -21.20 25.90
CA TYR B 191 -0.22 -20.07 26.49
C TYR B 191 0.02 -20.28 27.97
N GLU B 192 -1.01 -20.76 28.67
CA GLU B 192 -0.93 -20.89 30.12
C GLU B 192 -0.05 -22.05 30.55
N LYS B 193 0.44 -22.86 29.63
CA LYS B 193 1.31 -23.97 30.03
C LYS B 193 2.76 -23.56 30.20
N HIS B 194 3.11 -22.33 29.84
CA HIS B 194 4.51 -21.96 29.75
C HIS B 194 4.73 -20.66 30.47
N LYS B 195 5.98 -20.40 30.82
CA LYS B 195 6.33 -19.22 31.58
C LYS B 195 7.07 -18.17 30.75
N VAL B 196 8.19 -18.51 30.12
CA VAL B 196 9.04 -17.51 29.49
C VAL B 196 8.72 -17.44 28.00
N TYR B 197 8.35 -16.25 27.52
CA TYR B 197 8.10 -16.01 26.11
C TYR B 197 9.17 -15.06 25.58
N ALA B 198 9.92 -15.46 24.54
CA ALA B 198 11.06 -14.68 24.09
C ALA B 198 11.10 -14.62 22.58
N CYS B 199 11.54 -13.49 22.06
CA CYS B 199 11.87 -13.45 20.62
CA CYS B 199 11.83 -13.31 20.62
C CYS B 199 13.32 -13.05 20.47
N GLU B 200 14.02 -13.80 19.62
CA GLU B 200 15.46 -13.66 19.44
C GLU B 200 15.70 -13.16 18.03
N VAL B 201 16.46 -12.05 17.89
CA VAL B 201 16.58 -11.37 16.60
C VAL B 201 18.04 -11.35 16.19
N THR B 202 18.30 -11.81 14.96
CA THR B 202 19.64 -11.79 14.34
C THR B 202 19.56 -10.88 13.13
N HIS B 203 20.52 -9.95 12.98
CA HIS B 203 20.51 -8.94 11.91
C HIS B 203 21.91 -8.40 11.74
N GLN B 204 22.28 -8.06 10.50
CA GLN B 204 23.65 -7.62 10.23
C GLN B 204 24.04 -6.34 10.99
N GLY B 205 23.06 -5.56 11.45
CA GLY B 205 23.37 -4.38 12.24
C GLY B 205 23.61 -4.65 13.70
N LEU B 206 23.39 -5.88 14.18
CA LEU B 206 23.58 -6.24 15.59
C LEU B 206 24.86 -7.01 15.77
N SER B 207 25.66 -6.67 16.80
CA SER B 207 26.92 -7.37 16.96
CA SER B 207 26.93 -7.35 16.99
C SER B 207 26.72 -8.77 17.50
N SER B 208 25.58 -9.05 18.13
CA SER B 208 25.20 -10.38 18.55
C SER B 208 23.68 -10.39 18.63
N PRO B 209 23.06 -11.57 18.69
CA PRO B 209 21.57 -11.60 18.68
C PRO B 209 20.95 -10.92 19.90
N VAL B 210 19.80 -10.29 19.68
CA VAL B 210 19.10 -9.56 20.73
C VAL B 210 17.92 -10.41 21.15
N THR B 211 17.71 -10.59 22.46
CA THR B 211 16.50 -11.27 22.92
C THR B 211 15.63 -10.31 23.70
N LYS B 212 14.33 -10.27 23.41
CA LYS B 212 13.37 -9.59 24.27
C LYS B 212 12.43 -10.65 24.82
N SER B 213 12.18 -10.60 26.14
CA SER B 213 11.37 -11.68 26.71
C SER B 213 10.57 -11.17 27.91
N PHE B 214 9.53 -11.92 28.26
CA PHE B 214 8.78 -11.64 29.48
C PHE B 214 8.34 -12.96 30.10
N ASN B 215 8.04 -12.93 31.38
CA ASN B 215 7.40 -14.08 32.02
C ASN B 215 5.88 -13.89 32.03
N ARG B 216 5.14 -14.93 31.66
CA ARG B 216 3.68 -14.84 31.64
C ARG B 216 3.16 -14.46 33.01
N GLY B 217 2.24 -13.49 33.04
CA GLY B 217 1.64 -13.06 34.30
C GLY B 217 2.44 -12.05 35.11
N GLU B 218 3.69 -11.75 34.74
CA GLU B 218 4.41 -10.65 35.38
C GLU B 218 3.97 -9.29 34.86
N CYS B 219 3.28 -9.25 33.72
CA CYS B 219 2.79 -7.99 33.13
C CYS B 219 1.28 -7.82 33.25
N PRO C 1 -3.47 29.79 -14.73
CA PRO C 1 -2.96 28.45 -14.41
C PRO C 1 -2.88 27.53 -15.64
N ALA C 2 -1.66 27.23 -16.13
CA ALA C 2 -1.47 26.41 -17.32
C ALA C 2 -2.03 25.02 -17.12
N PRO C 3 -3.08 24.65 -17.86
CA PRO C 3 -3.71 23.35 -17.63
C PRO C 3 -2.73 22.23 -17.89
N PRO C 4 -2.91 21.10 -17.23
CA PRO C 4 -2.04 19.96 -17.49
C PRO C 4 -2.18 19.45 -18.92
N ASN C 5 -1.10 18.90 -19.45
CA ASN C 5 -1.19 18.21 -20.74
C ASN C 5 -2.07 16.98 -20.68
N ALA C 6 -2.63 16.65 -21.83
CA ALA C 6 -3.38 15.41 -21.96
C ALA C 6 -2.45 14.20 -21.89
N ASN C 7 -3.01 13.09 -21.40
CA ASN C 7 -2.37 11.77 -21.47
C ASN C 7 -2.49 11.14 -22.82
N ASP C 8 -3.48 11.58 -23.60
CA ASP C 8 -3.83 10.90 -24.83
C ASP C 8 -4.87 11.77 -25.49
N PRO C 9 -5.05 11.65 -26.80
CA PRO C 9 -5.96 12.58 -27.51
C PRO C 9 -7.42 12.32 -27.17
N ALA C 10 -8.19 13.40 -27.10
CA ALA C 10 -9.61 13.29 -26.94
C ALA C 10 -10.21 12.77 -28.23
N PRO C 11 -11.39 12.14 -28.16
CA PRO C 11 -12.05 11.67 -29.35
C PRO C 11 -12.81 12.79 -29.99
N PRO C 12 -12.99 12.72 -31.30
CA PRO C 12 -13.85 13.69 -31.99
C PRO C 12 -15.32 13.50 -31.62
N ASN C 13 -16.10 14.52 -31.96
CA ASN C 13 -17.54 14.53 -31.71
C ASN C 13 -18.30 13.80 -32.82
#